data_4USW
#
_entry.id   4USW
#
_cell.length_a   101.090
_cell.length_b   101.090
_cell.length_c   96.750
_cell.angle_alpha   90.00
_cell.angle_beta   90.00
_cell.angle_gamma   120.00
#
_symmetry.space_group_name_H-M   'P 63'
#
loop_
_entity.id
_entity.type
_entity.pdbx_description
1 polymer 'ADENYLATE CYCLASE TYPE 10'
2 non-polymer 'SODIUM ION'
3 non-polymer 'ACETATE ION'
4 non-polymer "ADENOSINE-5'-TRIPHOSPHATE"
5 non-polymer GLYCEROL
6 water water
#
_entity_poly.entity_id   1
_entity_poly.type   'polypeptide(L)'
_entity_poly.pdbx_seq_one_letter_code
;MNTPKEEFQDWPIVRIAAHLPDLIVYGHFSPERPFMDYFDGVLMFVDISGFTAMTEKFSSAMYMDRGAEQLVEILNYHIS
AIVEKVLIFGGDILKFAGDALLALWRVERKQLKNIITVVIKCSLEIHGLFETQEWEEGLDIRVKIGLAAGHISMLVFGDE
THSHFLVIGQAVDDVRLAQNMAQMNDVILSPNCWQLCDRSMIEIESVPDQRAVKVNFLKPPPNFNFDEFFTKCTTFMHYY
PSGEHKNLLRLA(CME)TLKPDPELEMSLQKYVMESILKQIDNKQLQGYLSELRPVTIVFVNLMFEDQDKAEEIGPAIQD
AYMHITSVLKIFQGQINKVFMFDKGCSFLCVFGFPGEKVPDELTHALECAMDIFDFCSQVHKIQTVSIGVASGIVFCGIV
GHTVRHEYTVIGQKVNLAARMMMYYPGIVTCDSVTYNGSNLPAYFFKELPKKVMKGVADSGPLYQYWGRTEKVHHHHHH
;
_entity_poly.pdbx_strand_id   A
#
loop_
_chem_comp.id
_chem_comp.type
_chem_comp.name
_chem_comp.formula
ACT non-polymer 'ACETATE ION' 'C2 H3 O2 -1'
ATP non-polymer ADENOSINE-5'-TRIPHOSPHATE 'C10 H16 N5 O13 P3'
GOL non-polymer GLYCEROL 'C3 H8 O3'
NA non-polymer 'SODIUM ION' 'Na 1'
#
# COMPACT_ATOMS: atom_id res chain seq x y z
N MET A 1 -17.65 6.94 47.62
CA MET A 1 -16.33 7.01 46.86
C MET A 1 -16.64 7.25 45.42
N ASN A 2 -16.17 8.33 44.83
CA ASN A 2 -16.40 8.52 43.41
C ASN A 2 -15.79 7.45 42.45
N THR A 3 -16.43 7.32 41.29
CA THR A 3 -15.95 6.46 40.21
C THR A 3 -15.86 7.32 38.98
N PRO A 4 -14.85 8.18 38.91
CA PRO A 4 -14.93 9.24 37.93
C PRO A 4 -14.52 8.73 36.58
N LYS A 5 -14.88 9.45 35.53
CA LYS A 5 -14.66 8.93 34.21
C LYS A 5 -13.17 8.88 33.91
N GLU A 6 -12.72 7.76 33.36
CA GLU A 6 -11.33 7.66 32.90
C GLU A 6 -11.28 8.06 31.41
N GLU A 7 -10.53 9.13 31.11
CA GLU A 7 -10.38 9.65 29.73
C GLU A 7 -9.64 8.66 28.81
N PHE A 8 -9.89 8.79 27.49
CA PHE A 8 -9.20 7.95 26.50
C PHE A 8 -7.77 8.37 26.64
N GLN A 9 -6.89 7.38 26.64
CA GLN A 9 -5.55 7.72 26.77
C GLN A 9 -4.83 7.44 25.44
N ASP A 10 -4.31 8.55 24.93
CA ASP A 10 -3.74 8.63 23.61
C ASP A 10 -2.20 8.56 23.76
N TRP A 11 -1.79 7.50 24.44
CA TRP A 11 -0.39 7.18 24.63
C TRP A 11 0.37 7.08 23.28
N PRO A 12 1.66 7.31 23.29
CA PRO A 12 2.43 7.13 22.10
C PRO A 12 2.27 5.78 21.47
N ILE A 13 2.24 4.74 22.28
CA ILE A 13 2.11 3.42 21.66
C ILE A 13 0.79 3.26 20.88
N VAL A 14 -0.29 3.84 21.36
CA VAL A 14 -1.54 3.80 20.63
C VAL A 14 -1.43 4.61 19.34
N ARG A 15 -0.75 5.72 19.38
CA ARG A 15 -0.61 6.52 18.14
C ARG A 15 0.20 5.82 17.09
N ILE A 16 1.20 5.09 17.56
CA ILE A 16 2.02 4.24 16.69
C ILE A 16 1.22 3.11 16.04
N ALA A 17 0.41 2.44 16.84
CA ALA A 17 -0.37 1.37 16.35
C ALA A 17 -1.43 1.80 15.33
N ALA A 18 -1.85 3.09 15.28
CA ALA A 18 -2.70 3.59 14.16
C ALA A 18 -2.08 3.34 12.74
N HIS A 19 -0.75 3.32 12.69
CA HIS A 19 -0.01 3.10 11.46
C HIS A 19 0.20 1.68 11.05
N LEU A 20 -0.28 0.73 11.85
CA LEU A 20 -0.10 -0.67 11.58
C LEU A 20 -1.36 -1.57 11.77
N PRO A 21 -1.38 -2.68 11.04
CA PRO A 21 -2.50 -3.65 11.13
C PRO A 21 -2.33 -4.53 12.36
N ASP A 22 -3.42 -5.13 12.75
CA ASP A 22 -3.42 -6.09 13.86
C ASP A 22 -2.49 -7.26 13.60
N LEU A 23 -2.28 -7.57 12.34
CA LEU A 23 -1.33 -8.59 11.94
C LEU A 23 0.06 -8.34 12.52
N ILE A 24 0.50 -7.07 12.63
CA ILE A 24 1.76 -6.77 13.26
C ILE A 24 1.55 -6.40 14.76
N VAL A 25 0.55 -5.56 15.06
CA VAL A 25 0.38 -5.02 16.42
C VAL A 25 0.29 -6.18 17.43
N TYR A 26 -0.44 -7.20 17.05
CA TYR A 26 -0.71 -8.31 17.94
C TYR A 26 0.10 -9.52 17.49
N GLY A 27 0.99 -9.35 16.55
CA GLY A 27 1.68 -10.48 16.03
C GLY A 27 2.73 -11.11 16.91
N HIS A 28 3.49 -10.36 17.67
CA HIS A 28 4.52 -11.02 18.48
C HIS A 28 5.29 -12.19 17.82
N PHE A 29 6.05 -11.90 16.79
CA PHE A 29 6.87 -12.94 16.20
C PHE A 29 8.31 -12.52 16.35
N SER A 30 9.13 -13.48 16.04
CA SER A 30 10.56 -13.38 16.14
C SER A 30 11.17 -12.08 15.53
N PRO A 31 12.23 -11.53 16.13
CA PRO A 31 12.77 -10.35 15.53
C PRO A 31 13.82 -10.68 14.42
N GLU A 32 14.19 -11.93 14.25
CA GLU A 32 14.98 -12.36 13.13
C GLU A 32 14.41 -12.00 11.71
N ARG A 33 15.32 -11.84 10.75
CA ARG A 33 14.98 -11.33 9.43
C ARG A 33 15.70 -12.11 8.34
N PRO A 34 15.04 -12.63 7.32
CA PRO A 34 13.59 -12.61 7.07
C PRO A 34 12.76 -13.47 8.05
N PHE A 35 11.52 -13.08 8.33
CA PHE A 35 10.66 -13.95 9.07
C PHE A 35 9.46 -14.20 8.13
N MET A 36 8.95 -15.42 8.17
CA MET A 36 7.86 -15.82 7.29
C MET A 36 6.83 -16.57 8.09
N ASP A 37 5.57 -16.35 7.82
CA ASP A 37 4.48 -17.06 8.43
C ASP A 37 3.45 -17.39 7.33
N TYR A 38 2.56 -18.33 7.59
CA TYR A 38 1.61 -18.85 6.61
C TYR A 38 0.19 -18.92 7.20
N PHE A 39 -0.81 -18.50 6.45
CA PHE A 39 -2.17 -18.57 6.93
C PHE A 39 -3.12 -18.51 5.74
N ASP A 40 -4.41 -18.39 6.03
CA ASP A 40 -5.38 -18.30 4.98
C ASP A 40 -6.25 -17.11 5.28
N GLY A 41 -6.87 -16.55 4.26
CA GLY A 41 -7.79 -15.49 4.51
C GLY A 41 -8.37 -14.97 3.23
N VAL A 42 -9.15 -13.91 3.39
CA VAL A 42 -9.75 -13.23 2.28
C VAL A 42 -9.12 -11.82 2.17
N LEU A 43 -8.81 -11.38 0.97
CA LEU A 43 -8.25 -10.08 0.75
C LEU A 43 -9.20 -9.20 0.00
N MET A 44 -9.19 -7.89 0.29
CA MET A 44 -9.94 -6.88 -0.39
C MET A 44 -9.01 -5.78 -0.72
N PHE A 45 -8.89 -5.47 -2.00
CA PHE A 45 -8.14 -4.32 -2.48
CA PHE A 45 -8.10 -4.37 -2.53
C PHE A 45 -9.10 -3.31 -3.03
N VAL A 46 -9.16 -2.15 -2.35
CA VAL A 46 -10.11 -1.05 -2.63
C VAL A 46 -9.32 0.10 -3.19
N ASP A 47 -9.72 0.53 -4.38
CA ASP A 47 -9.07 1.68 -5.07
C ASP A 47 -10.07 2.81 -5.36
N ILE A 48 -9.80 4.00 -4.85
CA ILE A 48 -10.53 5.19 -5.23
C ILE A 48 -9.94 5.77 -6.48
N SER A 49 -10.60 5.57 -7.58
CA SER A 49 -10.07 6.11 -8.81
C SER A 49 -10.38 7.59 -8.89
N GLY A 50 -9.35 8.40 -9.21
CA GLY A 50 -9.54 9.83 -9.56
C GLY A 50 -8.73 10.82 -8.77
N PHE A 51 -8.14 10.39 -7.66
CA PHE A 51 -7.41 11.34 -6.87
C PHE A 51 -6.15 11.75 -7.50
N THR A 52 -5.58 10.87 -8.32
CA THR A 52 -4.36 11.27 -9.00
C THR A 52 -4.60 12.55 -9.85
N ALA A 53 -5.70 12.61 -10.60
CA ALA A 53 -6.03 13.84 -11.38
C ALA A 53 -6.35 15.04 -10.49
N MET A 54 -7.06 14.79 -9.41
CA MET A 54 -7.35 15.87 -8.49
C MET A 54 -6.05 16.41 -7.94
N THR A 55 -5.11 15.53 -7.66
CA THR A 55 -3.86 16.02 -7.14
C THR A 55 -3.28 17.08 -8.02
N GLU A 56 -3.25 16.86 -9.31
CA GLU A 56 -2.69 17.87 -10.21
C GLU A 56 -3.47 19.20 -10.14
N LYS A 57 -4.77 19.09 -10.13
CA LYS A 57 -5.60 20.24 -10.10
C LYS A 57 -5.39 21.06 -8.82
N PHE A 58 -5.10 20.41 -7.69
CA PHE A 58 -4.99 21.11 -6.40
C PHE A 58 -3.73 21.94 -6.29
N SER A 59 -2.77 21.75 -7.21
CA SER A 59 -1.71 22.73 -7.41
C SER A 59 -2.10 24.02 -8.11
N SER A 60 -3.31 24.10 -8.67
CA SER A 60 -3.64 25.25 -9.45
C SER A 60 -3.91 26.46 -8.52
N ALA A 61 -3.85 27.63 -9.12
CA ALA A 61 -3.97 28.88 -8.39
C ALA A 61 -5.28 29.00 -7.63
N MET A 62 -6.35 28.34 -8.06
CA MET A 62 -7.63 28.55 -7.37
C MET A 62 -7.60 28.03 -5.95
N TYR A 63 -6.67 27.14 -5.67
CA TYR A 63 -6.56 26.56 -4.30
C TYR A 63 -5.71 27.45 -3.34
N MET A 64 -5.12 28.54 -3.92
CA MET A 64 -4.52 29.63 -3.13
C MET A 64 -3.47 29.09 -2.13
N ASP A 65 -2.58 28.25 -2.64
CA ASP A 65 -1.53 27.62 -1.88
C ASP A 65 -2.03 26.76 -0.70
N ARG A 66 -3.30 26.37 -0.68
CA ARG A 66 -3.79 25.42 0.37
C ARG A 66 -4.21 24.12 -0.30
N GLY A 67 -3.59 23.82 -1.43
CA GLY A 67 -3.96 22.59 -2.08
C GLY A 67 -3.75 21.28 -1.34
N ALA A 68 -2.57 21.12 -0.77
CA ALA A 68 -2.26 19.97 0.04
C ALA A 68 -3.24 19.80 1.19
N GLU A 69 -3.54 20.90 1.87
CA GLU A 69 -4.52 20.87 2.99
C GLU A 69 -5.91 20.44 2.50
N GLN A 70 -6.33 21.00 1.39
CA GLN A 70 -7.68 20.70 0.87
C GLN A 70 -7.69 19.25 0.34
N LEU A 71 -6.59 18.80 -0.29
CA LEU A 71 -6.52 17.48 -0.87
CA LEU A 71 -6.52 17.47 -0.87
C LEU A 71 -6.65 16.43 0.23
N VAL A 72 -5.87 16.61 1.28
CA VAL A 72 -5.86 15.60 2.33
C VAL A 72 -7.14 15.55 3.07
N GLU A 73 -7.76 16.72 3.25
CA GLU A 73 -9.09 16.80 3.93
C GLU A 73 -10.13 16.03 3.15
N ILE A 74 -10.21 16.26 1.85
CA ILE A 74 -11.32 15.66 1.04
C ILE A 74 -11.02 14.22 0.82
N LEU A 75 -9.75 13.87 0.67
CA LEU A 75 -9.38 12.49 0.61
C LEU A 75 -9.69 11.71 1.90
N ASN A 76 -9.19 12.18 3.04
CA ASN A 76 -9.49 11.48 4.27
C ASN A 76 -10.95 11.43 4.62
N TYR A 77 -11.72 12.46 4.24
CA TYR A 77 -13.18 12.40 4.51
C TYR A 77 -13.76 11.11 3.87
N HIS A 78 -13.40 10.86 2.62
CA HIS A 78 -13.87 9.66 1.89
C HIS A 78 -13.23 8.38 2.34
N ILE A 79 -11.91 8.34 2.47
CA ILE A 79 -11.21 7.17 2.83
C ILE A 79 -11.61 6.75 4.25
N SER A 80 -11.73 7.69 5.16
CA SER A 80 -12.23 7.40 6.53
C SER A 80 -13.50 6.57 6.53
N ALA A 81 -14.45 6.93 5.66
CA ALA A 81 -15.72 6.24 5.62
C ALA A 81 -15.53 4.80 5.16
N ILE A 82 -14.61 4.58 4.22
CA ILE A 82 -14.28 3.22 3.76
C ILE A 82 -13.59 2.45 4.87
N VAL A 83 -12.66 3.10 5.59
CA VAL A 83 -11.96 2.46 6.67
C VAL A 83 -12.92 2.02 7.73
N GLU A 84 -13.88 2.86 8.08
CA GLU A 84 -14.84 2.44 9.08
C GLU A 84 -15.64 1.20 8.65
N LYS A 85 -16.04 1.11 7.40
CA LYS A 85 -16.81 -0.10 6.97
C LYS A 85 -15.99 -1.35 7.02
N VAL A 86 -14.76 -1.25 6.53
CA VAL A 86 -13.83 -2.35 6.67
C VAL A 86 -13.70 -2.79 8.10
N LEU A 87 -13.45 -1.88 9.01
CA LEU A 87 -13.23 -2.28 10.35
C LEU A 87 -14.48 -2.83 11.06
N ILE A 88 -15.64 -2.22 10.86
CA ILE A 88 -16.93 -2.67 11.47
C ILE A 88 -17.32 -4.10 10.97
N PHE A 89 -16.92 -4.39 9.75
CA PHE A 89 -17.16 -5.70 9.13
C PHE A 89 -16.04 -6.68 9.46
N GLY A 90 -15.09 -6.24 10.29
CA GLY A 90 -14.15 -7.15 10.89
C GLY A 90 -12.82 -7.30 10.19
N GLY A 91 -12.52 -6.47 9.18
CA GLY A 91 -11.28 -6.59 8.49
C GLY A 91 -10.12 -5.87 9.19
N ASP A 92 -8.90 -6.22 8.78
CA ASP A 92 -7.67 -5.64 9.26
C ASP A 92 -7.09 -4.91 8.05
N ILE A 93 -6.94 -3.58 8.12
CA ILE A 93 -6.31 -2.86 7.01
C ILE A 93 -4.83 -3.04 7.11
N LEU A 94 -4.23 -3.63 6.08
CA LEU A 94 -2.78 -3.94 6.06
C LEU A 94 -1.91 -2.75 5.70
N LYS A 95 -2.28 -2.07 4.63
CA LYS A 95 -1.60 -0.88 4.13
C LYS A 95 -2.49 0.03 3.29
N PHE A 96 -2.09 1.32 3.24
CA PHE A 96 -2.54 2.29 2.27
C PHE A 96 -1.46 2.57 1.24
N ALA A 97 -1.84 2.66 0.00
CA ALA A 97 -0.92 3.03 -1.11
C ALA A 97 -1.65 4.11 -1.88
N GLY A 98 -1.32 5.36 -1.61
CA GLY A 98 -1.99 6.48 -2.27
C GLY A 98 -3.48 6.57 -1.91
N ASP A 99 -4.35 6.41 -2.91
CA ASP A 99 -5.82 6.42 -2.68
C ASP A 99 -6.44 5.02 -2.69
N ALA A 100 -5.62 4.05 -2.41
CA ALA A 100 -6.04 2.65 -2.31
C ALA A 100 -5.61 2.02 -1.01
N LEU A 101 -6.18 0.88 -0.71
CA LEU A 101 -5.85 0.14 0.48
C LEU A 101 -6.13 -1.32 0.29
N LEU A 102 -5.47 -2.09 1.13
CA LEU A 102 -5.57 -3.51 1.11
C LEU A 102 -5.95 -4.00 2.51
N ALA A 103 -6.97 -4.83 2.60
CA ALA A 103 -7.52 -5.36 3.87
C ALA A 103 -7.57 -6.89 3.84
N LEU A 104 -7.54 -7.49 5.02
CA LEU A 104 -7.43 -8.89 5.24
C LEU A 104 -8.36 -9.36 6.33
N TRP A 105 -9.05 -10.47 6.03
CA TRP A 105 -9.79 -11.25 7.02
C TRP A 105 -9.08 -12.57 7.08
N ARG A 106 -8.26 -12.69 8.11
CA ARG A 106 -7.49 -13.89 8.32
C ARG A 106 -8.38 -14.87 9.09
N VAL A 107 -8.56 -16.05 8.57
CA VAL A 107 -9.36 -17.07 9.24
C VAL A 107 -8.90 -18.44 8.87
N GLU A 108 -9.33 -19.40 9.68
CA GLU A 108 -9.07 -20.82 9.42
C GLU A 108 -9.76 -21.21 8.14
N ARG A 109 -9.19 -22.19 7.48
CA ARG A 109 -9.65 -22.62 6.19
C ARG A 109 -11.18 -22.93 6.06
N LYS A 110 -11.82 -23.54 7.07
CA LYS A 110 -13.26 -23.90 7.00
C LYS A 110 -14.14 -22.69 6.98
N GLN A 111 -13.60 -21.57 7.46
CA GLN A 111 -14.43 -20.37 7.60
C GLN A 111 -14.32 -19.46 6.37
N LEU A 112 -13.49 -19.79 5.41
CA LEU A 112 -13.36 -18.93 4.27
C LEU A 112 -14.63 -18.65 3.55
N LYS A 113 -15.42 -19.70 3.28
CA LYS A 113 -16.67 -19.49 2.60
C LYS A 113 -17.56 -18.48 3.27
N ASN A 114 -17.80 -18.59 4.56
CA ASN A 114 -18.67 -17.66 5.20
C ASN A 114 -18.09 -16.23 5.20
N ILE A 115 -16.79 -16.11 5.43
CA ILE A 115 -16.19 -14.79 5.51
C ILE A 115 -16.21 -14.14 4.16
N ILE A 116 -16.10 -14.91 3.08
CA ILE A 116 -16.26 -14.34 1.77
C ILE A 116 -17.61 -13.60 1.68
N THR A 117 -18.64 -14.13 2.28
CA THR A 117 -19.98 -13.42 2.23
C THR A 117 -19.95 -12.08 2.99
N VAL A 118 -19.32 -12.10 4.16
CA VAL A 118 -19.06 -10.89 4.93
C VAL A 118 -18.34 -9.87 4.04
N VAL A 119 -17.23 -10.27 3.42
CA VAL A 119 -16.44 -9.33 2.66
C VAL A 119 -17.22 -8.78 1.44
N ILE A 120 -17.88 -9.68 0.74
CA ILE A 120 -18.76 -9.23 -0.36
C ILE A 120 -19.76 -8.20 0.11
N LYS A 121 -20.43 -8.45 1.23
CA LYS A 121 -21.44 -7.50 1.77
C LYS A 121 -20.78 -6.13 2.07
N CYS A 122 -19.60 -6.21 2.71
CA CYS A 122 -18.79 -5.02 3.00
C CYS A 122 -18.51 -4.24 1.71
N SER A 123 -18.09 -4.96 0.69
CA SER A 123 -17.75 -4.35 -0.58
C SER A 123 -18.90 -3.61 -1.19
N LEU A 124 -20.09 -4.22 -1.12
CA LEU A 124 -21.29 -3.65 -1.67
C LEU A 124 -21.77 -2.46 -0.86
N GLU A 125 -21.63 -2.48 0.45
CA GLU A 125 -21.88 -1.23 1.13
C GLU A 125 -20.83 -0.15 0.79
N ILE A 126 -19.60 -0.54 0.54
CA ILE A 126 -18.59 0.44 0.24
C ILE A 126 -18.92 1.03 -1.10
N HIS A 127 -19.10 0.15 -2.08
CA HIS A 127 -19.55 0.55 -3.42
C HIS A 127 -20.76 1.51 -3.34
N GLY A 128 -21.70 1.26 -2.44
CA GLY A 128 -22.80 2.18 -2.26
C GLY A 128 -22.40 3.60 -1.93
N LEU A 129 -21.40 3.78 -1.07
CA LEU A 129 -21.12 5.08 -0.46
C LEU A 129 -20.89 6.23 -1.43
N PHE A 130 -21.19 7.44 -0.92
CA PHE A 130 -21.00 8.75 -1.60
C PHE A 130 -21.68 8.83 -3.00
N LEU A 139 -16.59 15.99 -6.83
CA LEU A 139 -15.43 15.27 -7.34
C LEU A 139 -15.85 14.11 -8.29
N ASP A 140 -14.98 13.77 -9.28
CA ASP A 140 -15.19 12.57 -10.18
C ASP A 140 -14.46 11.28 -9.65
N ILE A 141 -14.98 10.71 -8.56
CA ILE A 141 -14.31 9.61 -7.87
C ILE A 141 -15.16 8.35 -7.98
N ARG A 142 -14.50 7.27 -8.35
CA ARG A 142 -15.13 5.95 -8.46
C ARG A 142 -14.34 5.01 -7.56
N VAL A 143 -14.99 3.99 -7.06
CA VAL A 143 -14.30 2.97 -6.30
C VAL A 143 -14.34 1.65 -7.08
N LYS A 144 -13.20 1.00 -7.18
CA LYS A 144 -13.05 -0.36 -7.71
C LYS A 144 -12.53 -1.34 -6.66
N ILE A 145 -13.02 -2.55 -6.64
CA ILE A 145 -12.71 -3.48 -5.58
C ILE A 145 -12.44 -4.79 -6.17
N GLY A 146 -11.29 -5.34 -5.82
CA GLY A 146 -10.96 -6.72 -6.14
C GLY A 146 -10.90 -7.53 -4.84
N LEU A 147 -11.41 -8.76 -4.89
CA LEU A 147 -11.41 -9.73 -3.76
C LEU A 147 -10.74 -11.05 -4.14
N ALA A 148 -9.95 -11.60 -3.22
CA ALA A 148 -9.35 -12.89 -3.43
C ALA A 148 -9.39 -13.66 -2.13
N ALA A 149 -9.15 -14.96 -2.22
CA ALA A 149 -9.20 -15.81 -1.02
C ALA A 149 -8.35 -17.00 -1.25
N GLY A 150 -7.77 -17.52 -0.16
CA GLY A 150 -6.85 -18.63 -0.19
C GLY A 150 -5.62 -18.48 0.72
N HIS A 151 -4.56 -19.18 0.32
CA HIS A 151 -3.36 -19.24 1.10
C HIS A 151 -2.64 -17.88 1.02
N ILE A 152 -2.13 -17.42 2.13
CA ILE A 152 -1.39 -16.17 2.16
C ILE A 152 -0.18 -16.44 2.98
N SER A 153 0.94 -15.88 2.55
CA SER A 153 2.17 -15.85 3.34
C SER A 153 2.53 -14.40 3.74
N MET A 154 3.18 -14.23 4.87
CA MET A 154 3.59 -12.94 5.33
C MET A 154 5.09 -12.98 5.47
N LEU A 155 5.76 -11.95 5.01
CA LEU A 155 7.19 -11.82 5.17
C LEU A 155 7.49 -10.57 5.98
N VAL A 156 8.42 -10.62 6.92
CA VAL A 156 8.87 -9.45 7.65
C VAL A 156 10.38 -9.40 7.41
N PHE A 157 10.87 -8.25 6.92
CA PHE A 157 12.24 -8.10 6.58
C PHE A 157 12.71 -6.76 7.14
N GLY A 158 14.02 -6.60 7.27
CA GLY A 158 14.54 -5.40 7.88
C GLY A 158 15.85 -5.55 8.56
N ASP A 159 16.23 -4.52 9.27
CA ASP A 159 17.48 -4.53 9.99
C ASP A 159 17.17 -4.26 11.44
N GLU A 160 18.17 -3.81 12.21
CA GLU A 160 17.99 -3.68 13.66
C GLU A 160 17.11 -2.53 14.05
N THR A 161 16.99 -1.53 13.17
CA THR A 161 16.15 -0.39 13.48
C THR A 161 14.86 -0.21 12.65
N HIS A 162 14.69 -0.96 11.55
CA HIS A 162 13.59 -0.79 10.61
C HIS A 162 13.02 -2.11 10.27
N SER A 163 11.69 -2.18 10.16
CA SER A 163 11.01 -3.40 9.80
C SER A 163 9.98 -3.07 8.70
N HIS A 164 9.68 -4.05 7.85
CA HIS A 164 8.75 -3.85 6.77
C HIS A 164 8.09 -5.18 6.67
N PHE A 165 6.81 -5.22 6.29
CA PHE A 165 6.16 -6.50 5.99
C PHE A 165 5.47 -6.45 4.67
N LEU A 166 5.19 -7.65 4.16
CA LEU A 166 4.51 -7.88 2.95
C LEU A 166 3.70 -9.14 3.05
N VAL A 167 2.60 -9.18 2.33
CA VAL A 167 1.90 -10.47 2.05
C VAL A 167 2.20 -10.90 0.62
N ILE A 168 2.27 -12.20 0.46
CA ILE A 168 2.81 -12.88 -0.74
C ILE A 168 1.94 -14.09 -1.03
N GLY A 169 1.83 -14.47 -2.28
CA GLY A 169 1.25 -15.74 -2.70
C GLY A 169 0.16 -15.57 -3.71
N GLN A 170 -0.50 -16.68 -4.05
CA GLN A 170 -1.40 -16.64 -5.22
C GLN A 170 -2.63 -15.76 -4.97
N ALA A 171 -3.15 -15.80 -3.76
CA ALA A 171 -4.28 -14.91 -3.40
C ALA A 171 -3.89 -13.43 -3.47
N VAL A 172 -2.63 -13.13 -3.15
CA VAL A 172 -2.18 -11.78 -3.26
C VAL A 172 -2.04 -11.40 -4.73
N ASP A 173 -1.43 -12.25 -5.55
CA ASP A 173 -1.40 -11.97 -7.06
C ASP A 173 -2.84 -11.77 -7.60
N ASP A 174 -3.73 -12.66 -7.17
CA ASP A 174 -5.13 -12.63 -7.64
C ASP A 174 -5.83 -11.33 -7.31
N VAL A 175 -5.58 -10.82 -6.10
CA VAL A 175 -6.31 -9.64 -5.69
C VAL A 175 -5.85 -8.43 -6.51
N ARG A 176 -4.58 -8.44 -6.92
CA ARG A 176 -4.03 -7.38 -7.84
C ARG A 176 -4.74 -7.52 -9.22
N LEU A 177 -4.75 -8.74 -9.75
CA LEU A 177 -5.34 -9.01 -11.09
C LEU A 177 -6.81 -8.61 -11.14
N ALA A 178 -7.53 -8.96 -10.07
CA ALA A 178 -8.94 -8.69 -9.94
C ALA A 178 -9.19 -7.21 -9.97
N GLN A 179 -8.38 -6.50 -9.21
CA GLN A 179 -8.63 -5.05 -9.07
C GLN A 179 -8.41 -4.31 -10.42
N ASN A 180 -7.30 -4.66 -11.10
CA ASN A 180 -6.96 -4.18 -12.44
C ASN A 180 -7.99 -4.41 -13.50
N MET A 181 -8.88 -5.40 -13.35
CA MET A 181 -10.00 -5.62 -14.24
C MET A 181 -11.21 -4.78 -13.90
N ALA A 182 -11.36 -4.37 -12.66
CA ALA A 182 -12.61 -3.78 -12.28
C ALA A 182 -12.82 -2.53 -13.15
N GLN A 183 -14.01 -2.41 -13.70
CA GLN A 183 -14.46 -1.16 -14.30
C GLN A 183 -14.83 -0.28 -13.17
N MET A 184 -14.91 0.99 -13.48
CA MET A 184 -15.27 1.89 -12.47
C MET A 184 -16.54 1.27 -11.99
N ASN A 185 -16.48 1.05 -10.70
CA ASN A 185 -17.53 0.61 -9.80
C ASN A 185 -17.75 -0.86 -9.62
N ASP A 186 -16.91 -1.70 -10.23
CA ASP A 186 -17.09 -3.14 -10.09
C ASP A 186 -16.50 -3.62 -8.76
N VAL A 187 -17.05 -4.75 -8.34
CA VAL A 187 -16.49 -5.61 -7.39
C VAL A 187 -16.21 -6.91 -8.09
N ILE A 188 -14.93 -7.26 -8.18
CA ILE A 188 -14.48 -8.45 -8.89
C ILE A 188 -13.95 -9.53 -7.92
N LEU A 189 -14.35 -10.79 -8.14
CA LEU A 189 -13.85 -11.98 -7.39
C LEU A 189 -12.81 -12.68 -8.21
N SER A 190 -11.68 -13.07 -7.59
CA SER A 190 -10.66 -13.89 -8.21
C SER A 190 -11.30 -15.25 -8.55
N PRO A 191 -10.69 -16.01 -9.48
CA PRO A 191 -11.32 -17.32 -9.74
C PRO A 191 -11.42 -18.15 -8.47
N ASN A 192 -10.39 -18.17 -7.66
CA ASN A 192 -10.42 -19.01 -6.50
C ASN A 192 -11.47 -18.53 -5.46
N CYS A 193 -11.60 -17.22 -5.28
CA CYS A 193 -12.67 -16.68 -4.42
C CYS A 193 -14.06 -17.20 -4.92
N TRP A 194 -14.29 -17.16 -6.21
CA TRP A 194 -15.56 -17.57 -6.77
C TRP A 194 -15.82 -19.07 -6.48
N GLN A 195 -14.80 -19.86 -6.72
CA GLN A 195 -14.74 -21.25 -6.38
C GLN A 195 -15.05 -21.54 -4.93
N LEU A 196 -14.61 -20.70 -4.02
CA LEU A 196 -14.75 -21.02 -2.61
C LEU A 196 -16.01 -20.42 -2.05
N CYS A 197 -16.62 -19.49 -2.72
CA CYS A 197 -17.74 -18.77 -2.11
C CYS A 197 -19.09 -19.53 -2.11
N ASP A 198 -20.04 -18.95 -1.38
CA ASP A 198 -21.37 -19.47 -1.34
C ASP A 198 -22.15 -19.02 -2.55
N ARG A 199 -22.00 -19.81 -3.61
CA ARG A 199 -22.58 -19.52 -4.91
C ARG A 199 -24.09 -19.45 -4.97
N SER A 200 -24.75 -19.99 -3.97
CA SER A 200 -26.20 -19.99 -3.93
C SER A 200 -26.75 -18.61 -3.51
N MET A 201 -25.89 -17.77 -2.99
CA MET A 201 -26.25 -16.47 -2.50
C MET A 201 -25.66 -15.34 -3.29
N ILE A 202 -24.71 -15.66 -4.16
CA ILE A 202 -23.90 -14.66 -4.78
C ILE A 202 -24.12 -14.70 -6.29
N GLU A 203 -24.64 -13.61 -6.83
CA GLU A 203 -25.12 -13.58 -8.15
C GLU A 203 -24.13 -12.75 -8.91
N ILE A 204 -23.58 -13.37 -9.95
CA ILE A 204 -22.47 -12.83 -10.67
C ILE A 204 -22.76 -12.71 -12.17
N GLU A 205 -21.92 -11.94 -12.88
CA GLU A 205 -21.82 -12.00 -14.35
C GLU A 205 -20.39 -12.21 -14.73
N SER A 206 -20.21 -12.64 -15.95
CA SER A 206 -18.95 -13.21 -16.40
C SER A 206 -18.03 -12.07 -16.81
N VAL A 207 -16.73 -12.34 -16.88
CA VAL A 207 -15.83 -11.30 -17.32
C VAL A 207 -15.09 -11.78 -18.58
N PRO A 208 -15.12 -10.96 -19.66
CA PRO A 208 -14.52 -11.26 -20.94
C PRO A 208 -13.08 -11.66 -20.83
N ASP A 209 -12.77 -12.80 -21.46
CA ASP A 209 -11.43 -13.39 -21.50
C ASP A 209 -10.90 -13.66 -20.12
N GLN A 210 -11.81 -13.79 -19.16
CA GLN A 210 -11.42 -13.95 -17.80
C GLN A 210 -12.24 -14.99 -17.15
N ARG A 211 -11.59 -15.67 -16.22
CA ARG A 211 -12.23 -16.56 -15.28
C ARG A 211 -12.71 -15.81 -14.01
N ALA A 212 -12.14 -14.63 -13.70
CA ALA A 212 -12.64 -13.83 -12.56
C ALA A 212 -14.07 -13.45 -12.87
N VAL A 213 -14.85 -13.11 -11.85
CA VAL A 213 -16.24 -12.77 -12.10
C VAL A 213 -16.60 -11.49 -11.41
N LYS A 214 -17.67 -10.86 -11.86
CA LYS A 214 -18.13 -9.59 -11.32
C LYS A 214 -19.37 -9.80 -10.45
N VAL A 215 -19.44 -9.18 -9.28
CA VAL A 215 -20.63 -9.37 -8.44
C VAL A 215 -21.79 -8.50 -8.90
N ASN A 216 -22.98 -9.05 -9.14
CA ASN A 216 -24.14 -8.18 -9.34
C ASN A 216 -24.88 -7.90 -8.06
N PHE A 217 -25.23 -8.94 -7.31
CA PHE A 217 -25.89 -8.73 -6.03
C PHE A 217 -25.85 -9.98 -5.15
N LEU A 218 -26.18 -9.77 -3.88
CA LEU A 218 -26.49 -10.82 -2.92
C LEU A 218 -27.95 -11.18 -3.00
N LYS A 219 -28.22 -12.46 -2.89
CA LYS A 219 -29.56 -12.98 -2.99
C LYS A 219 -29.74 -13.97 -1.82
N PRO A 220 -29.78 -13.45 -0.60
CA PRO A 220 -29.79 -14.42 0.49
C PRO A 220 -31.03 -15.25 0.41
N PRO A 221 -30.98 -16.50 0.91
CA PRO A 221 -32.12 -17.37 1.04
C PRO A 221 -33.14 -16.88 2.09
N PRO A 222 -34.37 -17.46 2.11
CA PRO A 222 -35.42 -17.22 3.08
C PRO A 222 -35.05 -17.13 4.53
N ASN A 223 -34.25 -18.03 5.03
CA ASN A 223 -34.06 -17.87 6.46
C ASN A 223 -32.88 -16.94 6.90
N PHE A 224 -32.19 -16.36 5.94
CA PHE A 224 -30.94 -15.66 6.20
C PHE A 224 -31.10 -14.36 6.89
N ASN A 225 -30.41 -14.22 8.02
CA ASN A 225 -30.35 -12.94 8.75
C ASN A 225 -28.87 -12.47 8.84
N PHE A 226 -28.54 -11.37 8.17
CA PHE A 226 -27.15 -10.99 8.10
C PHE A 226 -26.58 -10.71 9.49
N ASP A 227 -27.34 -10.03 10.35
CA ASP A 227 -26.82 -9.76 11.68
C ASP A 227 -26.45 -11.04 12.42
N GLU A 228 -27.27 -12.07 12.34
CA GLU A 228 -26.98 -13.29 13.11
C GLU A 228 -25.84 -14.02 12.46
N PHE A 229 -25.78 -14.00 11.14
CA PHE A 229 -24.72 -14.68 10.41
C PHE A 229 -23.37 -14.01 10.79
N PHE A 230 -23.35 -12.69 10.80
CA PHE A 230 -22.14 -11.89 11.16
C PHE A 230 -21.70 -12.23 12.54
N THR A 231 -22.65 -12.22 13.48
CA THR A 231 -22.34 -12.62 14.85
C THR A 231 -21.62 -13.98 14.92
N LYS A 232 -22.11 -15.00 14.22
CA LYS A 232 -21.40 -16.26 14.16
C LYS A 232 -20.03 -16.13 13.61
N CYS A 233 -19.90 -15.42 12.50
CA CYS A 233 -18.60 -15.18 11.95
C CYS A 233 -17.59 -14.52 12.96
N THR A 234 -18.08 -13.68 13.89
CA THR A 234 -17.18 -12.93 14.82
C THR A 234 -16.52 -13.89 15.84
N THR A 235 -17.06 -15.10 15.99
CA THR A 235 -16.38 -16.16 16.80
C THR A 235 -15.00 -16.46 16.33
N PHE A 236 -14.78 -16.23 15.07
CA PHE A 236 -13.55 -16.54 14.48
C PHE A 236 -12.69 -15.30 14.35
N MET A 237 -13.13 -14.15 14.81
CA MET A 237 -12.36 -12.90 14.62
C MET A 237 -11.70 -12.57 15.98
N HIS A 238 -10.40 -12.82 16.06
CA HIS A 238 -9.70 -12.77 17.33
C HIS A 238 -9.79 -11.40 18.00
N TYR A 239 -9.79 -10.32 17.20
CA TYR A 239 -9.67 -8.98 17.77
C TYR A 239 -10.88 -8.06 17.57
N TYR A 240 -12.01 -8.63 17.12
CA TYR A 240 -13.21 -7.83 16.99
C TYR A 240 -13.63 -7.15 18.31
N PRO A 241 -13.72 -5.80 18.35
CA PRO A 241 -14.03 -5.08 19.58
C PRO A 241 -15.36 -5.57 20.15
N SER A 242 -15.41 -5.88 21.44
CA SER A 242 -16.64 -6.57 21.97
C SER A 242 -16.81 -6.23 23.43
N GLY A 243 -18.00 -6.49 23.96
CA GLY A 243 -18.21 -6.32 25.42
C GLY A 243 -17.96 -4.91 25.82
N GLU A 244 -17.10 -4.68 26.78
CA GLU A 244 -16.88 -3.33 27.23
C GLU A 244 -16.35 -2.46 26.09
N HIS A 245 -15.67 -3.03 25.10
CA HIS A 245 -15.04 -2.26 24.05
C HIS A 245 -15.77 -2.32 22.71
N LYS A 246 -17.02 -2.68 22.74
CA LYS A 246 -17.78 -2.74 21.50
C LYS A 246 -18.09 -1.40 20.77
N ASN A 247 -17.86 -0.28 21.46
CA ASN A 247 -18.03 1.04 20.88
C ASN A 247 -16.76 1.58 20.20
N LEU A 248 -15.70 0.78 20.11
CA LEU A 248 -14.38 1.14 19.55
C LEU A 248 -14.22 0.52 18.18
N LEU A 249 -13.59 1.26 17.25
CA LEU A 249 -13.35 0.71 15.94
C LEU A 249 -12.22 -0.33 15.94
N ARG A 250 -11.23 -0.17 16.82
CA ARG A 250 -10.13 -1.11 16.94
C ARG A 250 -9.77 -1.40 18.41
N LEU A 251 -9.48 -2.67 18.69
CA LEU A 251 -8.90 -3.12 19.95
C LEU A 251 -7.61 -2.38 20.22
N ALA A 252 -6.83 -2.07 19.17
CA ALA A 252 -5.53 -1.38 19.36
C ALA A 252 -5.68 -0.02 19.99
N CME A 253 -6.92 0.53 19.97
CA CME A 253 -7.17 1.73 20.74
CB CME A 253 -8.58 2.34 20.43
SG CME A 253 -8.85 2.79 18.73
SD CME A 253 -7.18 3.94 18.25
CE CME A 253 -6.34 2.61 17.43
CZ CME A 253 -4.86 2.72 17.49
OH CME A 253 -4.58 4.06 17.11
C CME A 253 -6.98 1.51 22.23
O CME A 253 -6.80 2.49 22.93
N THR A 254 -7.01 0.29 22.75
CA THR A 254 -6.87 0.05 24.20
C THR A 254 -5.48 -0.37 24.60
N LEU A 255 -4.54 -0.40 23.66
CA LEU A 255 -3.16 -0.80 24.00
C LEU A 255 -2.55 0.03 25.07
N LYS A 256 -1.78 -0.61 25.91
CA LYS A 256 -1.15 0.04 27.02
C LYS A 256 0.33 0.16 26.86
N PRO A 257 0.91 1.20 27.46
CA PRO A 257 2.34 1.31 27.37
C PRO A 257 3.07 0.02 27.66
N ASP A 258 4.10 -0.21 26.92
CA ASP A 258 4.84 -1.41 26.99
C ASP A 258 6.04 -1.04 26.15
N PRO A 259 7.21 -0.97 26.76
CA PRO A 259 8.39 -0.40 26.10
C PRO A 259 8.89 -1.39 25.07
N GLU A 260 8.84 -2.68 25.37
CA GLU A 260 9.24 -3.70 24.44
C GLU A 260 8.39 -3.80 23.17
N LEU A 261 7.09 -3.72 23.32
CA LEU A 261 6.16 -3.72 22.23
C LEU A 261 6.38 -2.41 21.41
N GLU A 262 6.50 -1.27 22.09
CA GLU A 262 6.71 -0.01 21.36
C GLU A 262 8.03 -0.06 20.61
N MET A 263 9.08 -0.55 21.21
CA MET A 263 10.35 -0.65 20.48
C MET A 263 10.21 -1.44 19.18
N SER A 264 9.46 -2.53 19.25
CA SER A 264 9.23 -3.36 18.11
CA SER A 264 9.25 -3.35 18.09
C SER A 264 8.32 -2.66 17.07
N LEU A 265 7.28 -2.00 17.52
CA LEU A 265 6.36 -1.39 16.53
C LEU A 265 6.85 -0.12 15.88
N GLN A 266 7.66 0.66 16.60
CA GLN A 266 8.14 1.90 16.04
C GLN A 266 9.03 1.70 14.86
N LYS A 267 9.66 0.55 14.77
CA LYS A 267 10.56 0.25 13.63
C LYS A 267 9.86 0.22 12.25
N TYR A 268 8.54 0.15 12.24
CA TYR A 268 7.80 0.21 11.02
C TYR A 268 7.43 1.59 10.54
N VAL A 269 7.66 2.62 11.34
CA VAL A 269 7.09 3.92 11.12
C VAL A 269 8.28 4.87 10.91
N MET A 270 8.17 5.81 9.97
CA MET A 270 9.31 6.68 9.68
CA MET A 270 9.23 6.78 9.63
C MET A 270 9.54 7.68 10.79
N GLU A 271 10.79 8.12 10.90
CA GLU A 271 11.20 9.00 11.98
C GLU A 271 10.40 10.33 12.01
N SER A 272 10.09 10.92 10.86
CA SER A 272 9.38 12.19 10.89
C SER A 272 7.98 11.98 11.42
N ILE A 273 7.42 10.77 11.24
CA ILE A 273 6.10 10.51 11.81
C ILE A 273 6.17 10.33 13.34
N LEU A 274 7.20 9.64 13.80
CA LEU A 274 7.47 9.45 15.25
C LEU A 274 7.66 10.82 15.89
N LYS A 275 8.31 11.74 15.16
CA LYS A 275 8.51 13.08 15.73
C LYS A 275 7.18 13.79 15.95
N GLN A 276 6.24 13.62 15.02
CA GLN A 276 4.92 14.21 15.18
C GLN A 276 4.16 13.51 16.27
N ILE A 277 4.20 12.20 16.30
CA ILE A 277 3.62 11.42 17.42
C ILE A 277 4.10 11.87 18.76
N ASP A 278 5.39 12.14 18.87
CA ASP A 278 5.93 12.58 20.13
C ASP A 278 5.72 14.12 20.42
N ASN A 279 4.88 14.78 19.63
CA ASN A 279 4.64 16.22 19.79
C ASN A 279 5.85 17.09 19.75
N LYS A 280 6.78 16.78 18.86
CA LYS A 280 7.99 17.54 18.63
C LYS A 280 7.98 18.25 17.28
N GLN A 281 6.86 18.18 16.54
CA GLN A 281 6.74 18.89 15.27
C GLN A 281 5.26 19.09 15.04
N LEU A 282 4.89 20.17 14.40
CA LEU A 282 3.47 20.46 14.18
C LEU A 282 2.88 19.45 13.20
N GLN A 283 1.64 19.02 13.41
CA GLN A 283 0.94 18.08 12.46
C GLN A 283 1.04 18.60 11.01
N GLY A 284 0.67 19.84 10.82
CA GLY A 284 0.47 20.35 9.50
C GLY A 284 1.61 20.09 8.56
N TYR A 285 2.84 19.96 9.09
CA TYR A 285 3.93 20.02 8.09
CA TYR A 285 4.10 19.86 8.39
C TYR A 285 4.12 18.76 7.33
N LEU A 286 3.52 17.64 7.69
CA LEU A 286 3.64 16.50 6.82
C LEU A 286 2.68 16.45 5.61
N SER A 287 1.65 17.29 5.53
CA SER A 287 0.74 17.29 4.38
C SER A 287 1.25 18.32 3.43
N GLU A 288 1.77 17.90 2.28
CA GLU A 288 2.36 18.85 1.36
C GLU A 288 2.34 18.37 -0.07
N LEU A 289 2.37 19.33 -0.97
CA LEU A 289 2.51 19.08 -2.40
C LEU A 289 3.93 19.52 -2.63
N ARG A 290 4.85 18.61 -2.82
CA ARG A 290 6.26 19.01 -2.95
C ARG A 290 6.90 18.30 -4.14
N PRO A 291 7.91 18.97 -4.72
CA PRO A 291 8.63 18.42 -5.88
C PRO A 291 9.47 17.31 -5.34
N VAL A 292 9.30 16.11 -5.85
CA VAL A 292 10.15 15.05 -5.36
C VAL A 292 10.62 14.22 -6.54
N THR A 293 11.55 13.32 -6.28
CA THR A 293 11.88 12.28 -7.23
C THR A 293 11.47 10.91 -6.70
N ILE A 294 10.67 10.19 -7.48
CA ILE A 294 10.25 8.87 -7.22
C ILE A 294 11.17 7.92 -7.92
N VAL A 295 11.67 6.91 -7.16
CA VAL A 295 12.44 5.85 -7.64
C VAL A 295 11.69 4.55 -7.30
N PHE A 296 11.15 3.91 -8.31
CA PHE A 296 10.26 2.77 -8.15
C PHE A 296 11.01 1.55 -8.64
N VAL A 297 11.35 0.72 -7.69
CA VAL A 297 12.19 -0.41 -7.93
C VAL A 297 11.38 -1.70 -7.96
N ASN A 298 11.51 -2.53 -9.00
CA ASN A 298 10.72 -3.77 -9.12
C ASN A 298 11.68 -4.91 -9.21
N LEU A 299 11.50 -5.90 -8.34
CA LEU A 299 12.25 -7.14 -8.34
C LEU A 299 11.39 -8.35 -8.79
N MET A 300 11.74 -8.97 -9.90
CA MET A 300 10.96 -10.15 -10.38
C MET A 300 11.68 -11.45 -10.01
N PHE A 301 10.91 -12.48 -9.63
CA PHE A 301 11.53 -13.76 -9.14
C PHE A 301 11.15 -14.92 -10.05
N GLU A 302 11.87 -16.03 -10.00
CA GLU A 302 11.37 -17.18 -10.77
C GLU A 302 9.98 -17.59 -10.31
N ASP A 303 9.77 -17.60 -8.99
CA ASP A 303 8.49 -17.96 -8.38
C ASP A 303 8.13 -17.01 -7.24
N GLN A 304 7.22 -16.09 -7.53
CA GLN A 304 6.97 -14.99 -6.63
C GLN A 304 5.88 -15.28 -5.58
N ASP A 305 5.41 -16.53 -5.58
CA ASP A 305 4.48 -17.04 -4.57
C ASP A 305 5.14 -17.90 -3.51
N LYS A 306 6.46 -18.03 -3.54
CA LYS A 306 7.16 -18.96 -2.68
C LYS A 306 7.99 -18.18 -1.65
N ALA A 307 7.40 -17.87 -0.49
CA ALA A 307 8.10 -17.04 0.51
C ALA A 307 9.49 -17.50 0.89
N GLU A 308 9.69 -18.82 1.00
CA GLU A 308 10.97 -19.32 1.49
C GLU A 308 12.07 -19.10 0.48
N GLU A 309 11.75 -19.03 -0.81
CA GLU A 309 12.71 -18.57 -1.86
C GLU A 309 12.95 -17.04 -1.83
N ILE A 310 11.84 -16.30 -1.86
CA ILE A 310 11.95 -14.89 -2.13
C ILE A 310 12.27 -14.07 -0.89
N GLY A 311 11.96 -14.62 0.27
CA GLY A 311 12.12 -13.95 1.50
C GLY A 311 13.57 -13.55 1.70
N PRO A 312 14.51 -14.51 1.60
CA PRO A 312 15.95 -14.12 1.74
C PRO A 312 16.43 -13.15 0.67
N ALA A 313 15.86 -13.27 -0.52
CA ALA A 313 16.30 -12.42 -1.64
C ALA A 313 15.86 -10.95 -1.37
N ILE A 314 14.61 -10.79 -0.90
CA ILE A 314 14.09 -9.52 -0.54
C ILE A 314 14.89 -8.94 0.61
N GLN A 315 15.25 -9.75 1.59
CA GLN A 315 15.98 -9.22 2.71
C GLN A 315 17.35 -8.72 2.24
N ASP A 316 17.99 -9.54 1.42
CA ASP A 316 19.29 -9.20 0.85
C ASP A 316 19.23 -7.91 0.08
N ALA A 317 18.22 -7.82 -0.76
CA ALA A 317 18.09 -6.61 -1.55
C ALA A 317 17.78 -5.40 -0.63
N TYR A 318 16.86 -5.59 0.34
CA TYR A 318 16.60 -4.54 1.31
C TYR A 318 17.88 -4.03 2.01
N MET A 319 18.72 -4.93 2.49
CA MET A 319 19.90 -4.47 3.17
C MET A 319 20.73 -3.50 2.31
N HIS A 320 20.91 -3.80 1.03
CA HIS A 320 21.62 -2.88 0.17
C HIS A 320 20.84 -1.65 -0.17
N ILE A 321 19.57 -1.81 -0.51
CA ILE A 321 18.77 -0.61 -0.81
C ILE A 321 18.83 0.41 0.29
N THR A 322 18.64 -0.04 1.49
CA THR A 322 18.63 0.91 2.56
C THR A 322 19.97 1.60 2.74
N SER A 323 21.08 0.91 2.59
CA SER A 323 22.41 1.58 2.77
C SER A 323 22.69 2.61 1.66
N VAL A 324 22.24 2.29 0.49
CA VAL A 324 22.39 3.21 -0.63
C VAL A 324 21.41 4.43 -0.53
N LEU A 325 20.16 4.21 -0.14
CA LEU A 325 19.23 5.34 0.17
C LEU A 325 19.76 6.29 1.24
N LYS A 326 20.39 5.75 2.26
CA LYS A 326 21.05 6.59 3.29
C LYS A 326 22.09 7.54 2.63
N ILE A 327 23.00 6.97 1.86
CA ILE A 327 24.01 7.76 1.18
C ILE A 327 23.50 8.82 0.22
N PHE A 328 22.52 8.47 -0.60
CA PHE A 328 21.96 9.40 -1.59
C PHE A 328 20.72 10.17 -1.07
N GLN A 329 20.45 10.07 0.23
CA GLN A 329 19.30 10.72 0.92
C GLN A 329 17.86 10.45 0.39
N GLY A 330 17.51 9.16 0.20
CA GLY A 330 16.18 8.77 -0.18
C GLY A 330 15.54 8.01 0.93
N GLN A 331 14.28 7.63 0.77
CA GLN A 331 13.58 6.80 1.78
C GLN A 331 12.73 5.80 1.13
N ILE A 332 12.48 4.73 1.80
CA ILE A 332 11.52 3.81 1.31
C ILE A 332 10.13 4.25 1.81
N ASN A 333 9.25 4.65 0.93
CA ASN A 333 7.88 5.01 1.34
C ASN A 333 6.93 3.81 1.53
N LYS A 334 7.01 2.81 0.66
CA LYS A 334 6.07 1.71 0.70
C LYS A 334 6.66 0.57 -0.07
N VAL A 335 6.37 -0.65 0.37
CA VAL A 335 6.76 -1.85 -0.30
C VAL A 335 5.50 -2.71 -0.46
N PHE A 336 5.31 -3.29 -1.61
CA PHE A 336 4.20 -4.17 -1.93
C PHE A 336 4.58 -5.09 -3.07
N MET A 337 3.93 -6.23 -3.14
CA MET A 337 3.94 -7.06 -4.37
C MET A 337 3.07 -6.42 -5.46
N PHE A 338 3.60 -6.27 -6.66
CA PHE A 338 2.73 -6.11 -7.84
C PHE A 338 2.21 -7.52 -8.31
N ASP A 339 1.43 -7.56 -9.39
CA ASP A 339 1.18 -8.86 -10.00
C ASP A 339 2.55 -9.43 -10.36
N LYS A 340 3.42 -8.60 -10.93
CA LYS A 340 4.72 -9.07 -11.35
C LYS A 340 5.77 -8.36 -10.48
N GLY A 341 6.21 -9.08 -9.42
CA GLY A 341 7.39 -8.71 -8.59
C GLY A 341 7.12 -7.98 -7.29
N CYS A 342 8.15 -7.87 -6.46
CA CYS A 342 8.17 -7.04 -5.28
C CYS A 342 8.67 -5.60 -5.62
N SER A 343 7.88 -4.59 -5.23
CA SER A 343 8.14 -3.22 -5.62
C SER A 343 8.48 -2.36 -4.40
N PHE A 344 9.52 -1.56 -4.51
CA PHE A 344 9.93 -0.61 -3.47
C PHE A 344 9.67 0.77 -3.98
N LEU A 345 8.77 1.49 -3.30
CA LEU A 345 8.45 2.86 -3.70
C LEU A 345 9.34 3.79 -2.87
N CYS A 346 10.39 4.32 -3.48
CA CYS A 346 11.36 5.18 -2.83
C CYS A 346 11.22 6.63 -3.29
N VAL A 347 11.54 7.56 -2.38
CA VAL A 347 11.34 8.94 -2.59
C VAL A 347 12.59 9.73 -2.18
N PHE A 348 13.00 10.65 -3.03
CA PHE A 348 14.07 11.61 -2.79
C PHE A 348 13.45 12.97 -2.72
N GLY A 349 13.80 13.71 -1.67
CA GLY A 349 13.30 15.07 -1.39
C GLY A 349 12.24 15.22 -0.29
N PHE A 350 11.72 14.12 0.32
CA PHE A 350 10.61 14.18 1.31
C PHE A 350 11.20 14.31 2.69
N GLY A 352 15.62 17.68 1.13
CA GLY A 352 16.15 17.70 -0.25
C GLY A 352 17.52 18.36 -0.43
N GLU A 353 18.24 18.03 -1.53
CA GLU A 353 19.48 18.73 -1.99
C GLU A 353 19.18 19.82 -3.07
N LYS A 354 20.22 20.49 -3.59
CA LYS A 354 20.08 21.33 -4.83
C LYS A 354 19.59 20.40 -5.96
N VAL A 355 18.80 20.95 -6.86
CA VAL A 355 17.97 20.11 -7.75
C VAL A 355 18.72 19.32 -8.87
N PRO A 356 19.66 19.96 -9.64
CA PRO A 356 20.50 19.04 -10.43
C PRO A 356 21.19 17.86 -9.63
N ASP A 357 21.47 18.10 -8.35
CA ASP A 357 22.02 17.11 -7.39
C ASP A 357 21.07 16.06 -6.90
N GLU A 358 19.88 16.45 -6.45
CA GLU A 358 18.87 15.49 -6.02
C GLU A 358 18.58 14.54 -7.18
N LEU A 359 18.35 15.10 -8.36
CA LEU A 359 18.13 14.31 -9.57
C LEU A 359 19.28 13.38 -9.90
N THR A 360 20.46 13.94 -9.84
CA THR A 360 21.63 13.13 -10.10
C THR A 360 21.73 12.00 -9.05
N HIS A 361 21.50 12.30 -7.78
CA HIS A 361 21.63 11.26 -6.76
C HIS A 361 20.61 10.17 -6.97
N ALA A 362 19.41 10.57 -7.34
CA ALA A 362 18.35 9.61 -7.54
C ALA A 362 18.78 8.61 -8.62
N LEU A 363 19.36 9.14 -9.68
CA LEU A 363 19.82 8.32 -10.77
C LEU A 363 21.00 7.41 -10.39
N GLU A 364 21.99 7.93 -9.72
CA GLU A 364 23.10 7.13 -9.30
C GLU A 364 22.70 6.11 -8.29
N CYS A 365 21.81 6.48 -7.36
CA CYS A 365 21.26 5.52 -6.44
C CYS A 365 20.54 4.40 -7.19
N ALA A 366 19.72 4.78 -8.21
CA ALA A 366 18.98 3.78 -8.96
C ALA A 366 19.93 2.82 -9.64
N MET A 367 21.02 3.34 -10.19
CA MET A 367 21.98 2.41 -10.93
C MET A 367 22.65 1.46 -10.00
N ASP A 368 23.02 1.98 -8.83
CA ASP A 368 23.67 1.17 -7.81
C ASP A 368 22.75 0.11 -7.31
N ILE A 369 21.48 0.42 -7.05
CA ILE A 369 20.55 -0.59 -6.62
C ILE A 369 20.36 -1.62 -7.74
N PHE A 370 20.20 -1.12 -8.98
CA PHE A 370 20.10 -1.99 -10.12
C PHE A 370 21.27 -2.99 -10.23
N ASP A 371 22.50 -2.50 -10.07
CA ASP A 371 23.70 -3.35 -10.23
C ASP A 371 23.75 -4.37 -9.14
N PHE A 372 23.49 -3.94 -7.90
CA PHE A 372 23.57 -4.87 -6.80
C PHE A 372 22.49 -5.94 -6.85
N CYS A 373 21.23 -5.53 -7.02
CA CYS A 373 20.11 -6.46 -6.97
C CYS A 373 20.05 -7.47 -8.11
N SER A 374 20.53 -7.06 -9.28
CA SER A 374 20.71 -7.96 -10.43
C SER A 374 21.55 -9.20 -10.10
N GLN A 375 22.48 -9.03 -9.16
CA GLN A 375 23.30 -10.17 -8.73
C GLN A 375 22.83 -10.94 -7.52
N VAL A 376 21.68 -10.62 -6.96
CA VAL A 376 21.21 -11.31 -5.80
C VAL A 376 20.57 -12.59 -6.30
N HIS A 377 20.94 -13.70 -5.64
CA HIS A 377 20.44 -15.01 -5.97
C HIS A 377 18.91 -15.09 -5.87
N LYS A 378 18.29 -15.54 -6.94
CA LYS A 378 16.86 -15.69 -7.07
C LYS A 378 16.14 -14.45 -7.54
N ILE A 379 16.83 -13.36 -7.75
CA ILE A 379 16.22 -12.23 -8.41
C ILE A 379 16.41 -12.43 -9.92
N GLN A 380 15.33 -12.61 -10.63
CA GLN A 380 15.41 -12.81 -12.06
C GLN A 380 15.66 -11.52 -12.85
N THR A 381 14.86 -10.49 -12.58
CA THR A 381 14.99 -9.16 -13.19
C THR A 381 14.76 -8.00 -12.18
N VAL A 382 15.53 -6.97 -12.37
CA VAL A 382 15.36 -5.70 -11.73
C VAL A 382 14.96 -4.64 -12.77
N SER A 383 13.92 -3.88 -12.43
CA SER A 383 13.54 -2.79 -13.27
C SER A 383 13.32 -1.59 -12.39
N ILE A 384 13.75 -0.43 -12.82
CA ILE A 384 13.59 0.77 -12.00
C ILE A 384 13.15 1.97 -12.79
N GLY A 385 12.08 2.66 -12.35
CA GLY A 385 11.55 3.86 -13.03
C GLY A 385 11.78 5.05 -12.15
N VAL A 386 12.26 6.16 -12.73
CA VAL A 386 12.59 7.37 -12.00
C VAL A 386 11.82 8.52 -12.64
N ALA A 387 11.00 9.19 -11.85
CA ALA A 387 10.18 10.24 -12.35
C ALA A 387 10.17 11.35 -11.31
N SER A 388 10.16 12.59 -11.80
CA SER A 388 10.18 13.77 -10.94
C SER A 388 9.10 14.80 -11.23
N GLY A 389 8.57 15.31 -10.13
CA GLY A 389 7.46 16.28 -10.16
C GLY A 389 6.85 16.52 -8.77
N ILE A 390 5.74 17.27 -8.79
CA ILE A 390 5.03 17.68 -7.60
C ILE A 390 4.15 16.49 -7.26
N VAL A 391 4.27 16.05 -6.02
CA VAL A 391 3.42 14.98 -5.54
CA VAL A 391 3.51 14.90 -5.51
C VAL A 391 2.93 15.31 -4.15
N PHE A 392 1.76 14.77 -3.85
CA PHE A 392 1.19 14.90 -2.55
C PHE A 392 1.84 13.91 -1.58
N CYS A 393 2.21 14.40 -0.39
CA CYS A 393 2.84 13.59 0.68
C CYS A 393 1.96 13.87 1.88
N GLY A 394 1.47 12.81 2.52
CA GLY A 394 0.82 13.02 3.78
C GLY A 394 0.20 11.80 4.45
N ILE A 395 -0.47 12.00 5.57
CA ILE A 395 -1.03 10.87 6.29
C ILE A 395 -2.43 10.66 5.77
N VAL A 396 -2.69 9.46 5.23
CA VAL A 396 -3.99 9.13 4.68
C VAL A 396 -4.68 8.04 5.49
N GLY A 397 -6.00 8.14 5.67
CA GLY A 397 -6.72 7.19 6.42
C GLY A 397 -7.67 7.85 7.42
N HIS A 398 -7.96 7.07 8.43
CA HIS A 398 -8.85 7.37 9.55
C HIS A 398 -7.94 7.64 10.77
N THR A 399 -8.44 8.42 11.69
CA THR A 399 -7.80 8.57 13.00
C THR A 399 -7.27 7.27 13.61
N VAL A 400 -8.03 6.19 13.49
CA VAL A 400 -7.64 4.95 14.18
C VAL A 400 -6.75 4.08 13.30
N ARG A 401 -6.61 4.42 12.01
CA ARG A 401 -5.87 3.59 11.08
C ARG A 401 -5.54 4.43 9.83
N HIS A 402 -4.28 4.83 9.75
CA HIS A 402 -3.81 5.74 8.74
C HIS A 402 -2.30 5.55 8.54
N GLU A 403 -1.78 6.01 7.41
CA GLU A 403 -0.39 5.81 7.05
C GLU A 403 0.09 6.99 6.20
N TYR A 404 1.38 7.29 6.30
CA TYR A 404 2.03 8.25 5.41
C TYR A 404 2.14 7.61 4.06
N THR A 405 1.86 8.36 3.02
CA THR A 405 1.89 7.84 1.64
C THR A 405 2.04 9.02 0.62
N VAL A 406 2.17 8.69 -0.63
CA VAL A 406 2.30 9.67 -1.67
C VAL A 406 1.26 9.44 -2.77
N ILE A 407 0.85 10.52 -3.42
CA ILE A 407 -0.09 10.40 -4.52
C ILE A 407 0.40 11.40 -5.59
N GLY A 408 0.42 10.96 -6.83
CA GLY A 408 0.67 11.87 -7.94
C GLY A 408 0.91 11.17 -9.27
N GLN A 409 0.75 11.93 -10.34
CA GLN A 409 0.96 11.46 -11.67
C GLN A 409 2.38 10.91 -11.85
N LYS A 410 3.39 11.58 -11.33
CA LYS A 410 4.75 11.01 -11.39
C LYS A 410 4.96 9.71 -10.65
N VAL A 411 4.19 9.48 -9.57
CA VAL A 411 4.27 8.20 -8.88
C VAL A 411 3.76 7.09 -9.79
N ASN A 412 2.62 7.32 -10.39
CA ASN A 412 2.05 6.34 -11.29
C ASN A 412 2.96 6.16 -12.57
N LEU A 413 3.49 7.24 -13.11
CA LEU A 413 4.33 7.18 -14.30
C LEU A 413 5.57 6.30 -14.00
N ALA A 414 6.27 6.56 -12.91
CA ALA A 414 7.38 5.71 -12.47
C ALA A 414 7.03 4.21 -12.30
N ALA A 415 5.85 3.93 -11.79
CA ALA A 415 5.37 2.55 -11.73
C ALA A 415 5.14 1.97 -13.13
N ARG A 416 4.50 2.73 -14.02
CA ARG A 416 4.24 2.25 -15.37
C ARG A 416 5.60 2.04 -16.10
N MET A 417 6.57 2.91 -15.89
CA MET A 417 7.86 2.79 -16.61
C MET A 417 8.56 1.52 -16.29
N MET A 418 8.62 1.23 -15.01
CA MET A 418 9.38 0.11 -14.51
C MET A 418 8.74 -1.21 -14.97
N MET A 419 7.43 -1.19 -15.22
CA MET A 419 6.69 -2.34 -15.75
C MET A 419 6.80 -2.45 -17.28
N TYR A 420 6.68 -1.35 -18.02
CA TYR A 420 6.74 -1.40 -19.49
C TYR A 420 8.14 -1.40 -20.09
N TYR A 421 9.16 -1.13 -19.26
CA TYR A 421 10.53 -1.15 -19.65
C TYR A 421 11.33 -1.96 -18.66
N PRO A 422 11.09 -3.27 -18.62
CA PRO A 422 11.71 -4.09 -17.61
C PRO A 422 13.18 -4.33 -17.88
N GLY A 423 13.95 -4.67 -16.87
CA GLY A 423 15.33 -5.00 -17.06
C GLY A 423 16.21 -3.80 -17.14
N ILE A 424 15.66 -2.60 -17.19
CA ILE A 424 16.56 -1.43 -17.20
C ILE A 424 16.14 -0.34 -16.18
N VAL A 425 16.97 0.69 -16.05
CA VAL A 425 16.65 1.90 -15.37
C VAL A 425 16.13 2.94 -16.37
N THR A 426 14.92 3.48 -16.13
CA THR A 426 14.38 4.53 -16.96
C THR A 426 14.12 5.80 -16.15
N CYS A 427 14.03 6.92 -16.83
CA CYS A 427 13.69 8.19 -16.24
C CYS A 427 12.90 9.04 -17.22
N ASP A 428 12.18 10.01 -16.67
CA ASP A 428 11.31 10.89 -17.45
C ASP A 428 12.12 12.14 -17.86
N SER A 429 11.55 13.06 -18.59
CA SER A 429 12.40 14.16 -19.12
C SER A 429 12.69 15.17 -18.12
N VAL A 430 11.78 15.41 -17.16
CA VAL A 430 12.12 16.29 -16.04
C VAL A 430 13.40 15.80 -15.38
N THR A 431 13.52 14.51 -15.13
CA THR A 431 14.75 13.98 -14.48
C THR A 431 15.95 14.07 -15.40
N TYR A 432 15.72 13.70 -16.64
CA TYR A 432 16.82 13.76 -17.64
C TYR A 432 17.38 15.23 -17.75
N ASN A 433 16.49 16.14 -18.04
CA ASN A 433 16.86 17.52 -18.30
C ASN A 433 17.43 18.16 -17.09
N GLY A 434 17.00 17.73 -15.91
CA GLY A 434 17.40 18.39 -14.70
C GLY A 434 18.71 17.89 -14.20
N SER A 435 19.07 16.64 -14.46
CA SER A 435 20.29 16.08 -13.84
C SER A 435 21.54 16.79 -14.31
N ASN A 436 22.55 16.69 -13.46
CA ASN A 436 23.93 17.16 -13.72
C ASN A 436 24.69 16.29 -14.70
N LEU A 437 24.07 15.23 -15.22
CA LEU A 437 24.85 14.23 -15.91
C LEU A 437 24.89 14.54 -17.41
N PRO A 438 26.02 14.21 -18.07
CA PRO A 438 26.09 14.36 -19.52
C PRO A 438 25.09 13.47 -20.29
N ALA A 439 24.68 13.97 -21.44
CA ALA A 439 23.64 13.34 -22.21
C ALA A 439 23.91 11.90 -22.67
N TYR A 440 25.15 11.57 -22.98
CA TYR A 440 25.46 10.19 -23.42
C TYR A 440 25.45 9.17 -22.27
N PHE A 441 25.09 9.61 -21.06
CA PHE A 441 24.77 8.63 -19.99
C PHE A 441 23.39 8.02 -20.19
N PHE A 442 22.65 8.56 -21.16
CA PHE A 442 21.26 8.15 -21.42
C PHE A 442 21.10 7.70 -22.84
N LYS A 443 20.00 6.98 -23.06
CA LYS A 443 19.51 6.62 -24.34
C LYS A 443 18.03 7.04 -24.43
N GLU A 444 17.69 7.84 -25.44
CA GLU A 444 16.32 8.12 -25.73
C GLU A 444 15.59 6.87 -26.19
N LEU A 445 14.43 6.60 -25.58
CA LEU A 445 13.66 5.36 -25.79
C LEU A 445 12.44 5.52 -26.75
N PRO A 446 12.01 4.42 -27.43
CA PRO A 446 10.70 4.44 -28.11
C PRO A 446 9.58 4.71 -27.13
N LYS A 447 8.63 5.54 -27.58
CA LYS A 447 7.40 5.88 -26.88
C LYS A 447 6.50 4.64 -26.89
N LYS A 448 6.24 4.07 -25.73
CA LYS A 448 5.20 3.02 -25.57
C LYS A 448 3.85 3.59 -25.10
N VAL A 449 2.75 3.00 -25.55
CA VAL A 449 1.45 3.44 -25.02
C VAL A 449 1.24 2.71 -23.67
N MET A 450 1.03 3.49 -22.61
CA MET A 450 1.01 2.92 -21.25
C MET A 450 -0.37 3.10 -20.60
N LYS A 451 -0.90 2.01 -20.02
CA LYS A 451 -2.20 2.03 -19.31
C LYS A 451 -2.10 3.05 -18.19
N GLY A 452 -2.99 4.06 -18.24
CA GLY A 452 -3.12 5.08 -17.20
C GLY A 452 -2.42 6.39 -17.50
N VAL A 453 -1.65 6.44 -18.58
CA VAL A 453 -0.76 7.56 -18.81
C VAL A 453 -1.08 8.20 -20.15
N ALA A 454 -1.32 9.50 -20.13
CA ALA A 454 -1.72 10.19 -21.36
C ALA A 454 -0.45 10.62 -22.10
N ASP A 455 0.38 11.44 -21.47
CA ASP A 455 1.65 11.79 -22.08
C ASP A 455 2.83 11.93 -21.10
N SER A 456 3.68 10.89 -21.13
CA SER A 456 4.95 10.86 -20.43
C SER A 456 5.91 11.99 -20.79
N GLY A 457 5.88 12.45 -22.06
CA GLY A 457 6.95 13.33 -22.64
C GLY A 457 8.05 12.33 -22.98
N PRO A 458 9.17 12.77 -23.57
CA PRO A 458 10.25 11.76 -23.85
C PRO A 458 10.69 10.92 -22.62
N LEU A 459 10.87 9.60 -22.78
CA LEU A 459 11.47 8.74 -21.76
C LEU A 459 12.89 8.34 -22.14
N TYR A 460 13.69 8.04 -21.13
CA TYR A 460 15.10 7.69 -21.33
C TYR A 460 15.50 6.50 -20.53
N GLN A 461 16.46 5.75 -21.01
CA GLN A 461 17.15 4.77 -20.22
C GLN A 461 18.33 5.46 -19.64
N TYR A 462 18.61 5.18 -18.37
CA TYR A 462 19.88 5.56 -17.75
C TYR A 462 20.88 4.42 -18.00
N TRP A 463 21.77 4.69 -18.97
CA TRP A 463 22.68 3.71 -19.49
C TRP A 463 23.80 3.63 -18.50
N GLY A 464 24.16 4.78 -17.94
CA GLY A 464 25.28 4.86 -16.98
C GLY A 464 26.56 5.44 -17.60
N ARG A 465 27.54 5.70 -16.74
CA ARG A 465 28.88 6.27 -17.06
C ARG A 465 29.57 5.67 -18.26
N THR A 466 29.76 4.35 -18.29
CA THR A 466 30.49 3.74 -19.42
C THR A 466 29.58 2.98 -20.38
N GLU A 467 30.14 2.81 -21.57
CA GLU A 467 29.49 2.28 -22.73
C GLU A 467 29.40 0.76 -22.57
NA NA B . -5.50 4.69 -7.36
C ACT C . 6.61 -0.17 3.91
O ACT C . 7.26 0.93 4.27
OXT ACT C . 5.46 -0.35 3.26
CH3 ACT C . 7.26 -1.35 4.25
C ACT D . 1.10 -5.48 1.14
O ACT D . 0.62 -5.24 2.29
OXT ACT D . 0.86 -4.85 0.06
CH3 ACT D . 1.98 -6.59 1.11
PG ATP E . -5.88 7.12 -9.50
O1G ATP E . -4.47 6.93 -9.98
O2G ATP E . -6.17 6.53 -8.15
O3G ATP E . -6.50 8.49 -9.66
PB ATP E . -6.53 4.66 -10.70
O1B ATP E . -6.09 3.85 -9.51
O2B ATP E . -7.84 4.20 -11.30
O3B ATP E . -6.75 6.23 -10.50
PA ATP E . -4.41 3.38 -12.36
O1A ATP E . -5.30 2.39 -13.11
O2A ATP E . -3.30 3.99 -13.20
O3A ATP E . -5.26 4.65 -11.74
O5' ATP E . -3.74 2.69 -11.05
C5' ATP E . -2.94 3.44 -10.13
C4' ATP E . -1.47 3.05 -10.21
O4' ATP E . -0.60 3.84 -9.37
C3' ATP E . -1.31 1.61 -9.79
O3' ATP E . -0.95 0.86 -10.92
C2' ATP E . -0.19 1.56 -8.76
O2' ATP E . 0.78 0.55 -9.08
C1' ATP E . 0.38 2.99 -8.75
N9 ATP E . 0.76 3.34 -7.34
C8 ATP E . 1.51 2.49 -6.60
N7 ATP E . 1.75 2.98 -5.35
C5 ATP E . 1.16 4.18 -5.25
C6 ATP E . 1.07 5.19 -4.16
N6 ATP E . 1.66 5.02 -2.95
N1 ATP E . 0.37 6.30 -4.47
C2 ATP E . -0.22 6.49 -5.66
N3 ATP E . -0.18 5.60 -6.69
C4 ATP E . 0.50 4.42 -6.56
C1 GOL F . 4.10 1.62 8.06
O1 GOL F . 2.97 2.46 8.32
C2 GOL F . 3.72 0.70 6.85
O2 GOL F . 3.88 -0.78 7.02
C3 GOL F . 4.49 1.40 5.79
O3 GOL F . 4.21 2.81 5.91
#